data_5SXM
#
_entry.id   5SXM
#
_cell.length_a   74.938
_cell.length_b   74.938
_cell.length_c   93.544
_cell.angle_alpha   90.000
_cell.angle_beta   90.000
_cell.angle_gamma   120.000
#
_symmetry.space_group_name_H-M   'P 31'
#
loop_
_entity.id
_entity.type
_entity.pdbx_description
1 polymer 'WD repeat-containing protein 5'
2 polymer ACE-ALA-ARG-THR-GLU-VAL-TYR-NH2
3 water water
#
loop_
_entity_poly.entity_id
_entity_poly.type
_entity_poly.pdbx_seq_one_letter_code
_entity_poly.pdbx_strand_id
1 'polypeptide(L)'
;SNGATQSKPTPVKPNYALKFTLAGHTKAVSSVKFSPNGEWLASSSADKLIKIWGAYDGKFEKTISGHKLGISDVAWSSDS
NLLVSASDDKTLKIWDVSSGKCLKTLKGHSNYVFCCNFNPQSNLIVSGSFDESVRIWDVKTGKCLKTLPAHSDPVSAVHF
NRDGSLIVSSSYDGLCRIWDTASGQCLKTLIDDDNPPVSFVKFSPNGKYILAATLDNTLKLWDYSKGKCLKTYTGHKNEK
YCIFANFSVTGGKWIVSGSEDNLVYIWNLQTKEIVQKLQGHTDVVISTACHPTENIIASAALENDKTIKLWKSDC
;
A,B
2 'polypeptide(L)' (ACE)ARTEVY(NH2) D,C
#
loop_
_chem_comp.id
_chem_comp.type
_chem_comp.name
_chem_comp.formula
ACE non-polymer 'ACETYL GROUP' 'C2 H4 O'
NH2 non-polymer 'AMINO GROUP' 'H2 N'
#
# COMPACT_ATOMS: atom_id res chain seq x y z
N VAL A 12 -8.44 30.13 -12.80
CA VAL A 12 -7.16 29.56 -12.37
C VAL A 12 -6.35 29.08 -13.58
N LYS A 13 -5.03 29.16 -13.47
CA LYS A 13 -4.14 28.75 -14.54
C LYS A 13 -2.88 28.16 -13.93
N PRO A 14 -2.51 26.94 -14.37
CA PRO A 14 -1.34 26.25 -13.79
C PRO A 14 -0.05 26.95 -14.17
N ASN A 15 0.98 26.78 -13.35
CA ASN A 15 2.28 27.35 -13.64
C ASN A 15 3.39 26.31 -13.51
N TYR A 16 3.25 25.22 -14.25
CA TYR A 16 4.25 24.16 -14.24
C TYR A 16 5.60 24.65 -14.73
N ALA A 17 6.64 24.32 -13.97
CA ALA A 17 7.99 24.71 -14.32
C ALA A 17 8.92 23.50 -14.25
N LEU A 18 9.91 23.47 -15.13
CA LEU A 18 10.86 22.36 -15.18
C LEU A 18 11.73 22.30 -13.94
N LYS A 19 11.77 21.14 -13.30
CA LYS A 19 12.54 20.94 -12.09
C LYS A 19 13.70 19.97 -12.32
N PHE A 20 13.45 18.91 -13.08
CA PHE A 20 14.46 17.90 -13.34
C PHE A 20 14.39 17.32 -14.75
N THR A 21 15.55 16.94 -15.28
CA THR A 21 15.62 16.23 -16.55
C THR A 21 16.41 14.94 -16.34
N LEU A 22 15.75 13.81 -16.59
CA LEU A 22 16.33 12.50 -16.28
C LEU A 22 16.80 11.79 -17.54
N ALA A 23 18.11 11.62 -17.68
CA ALA A 23 18.67 10.93 -18.83
C ALA A 23 19.30 9.60 -18.43
N GLY A 24 18.63 8.51 -18.71
CA GLY A 24 19.10 7.19 -18.32
C GLY A 24 18.96 6.15 -19.40
N HIS A 25 17.98 6.34 -20.27
CA HIS A 25 17.73 5.38 -21.33
C HIS A 25 18.56 5.68 -22.58
N THR A 26 18.97 4.62 -23.27
CA THR A 26 19.78 4.75 -24.48
C THR A 26 18.92 4.69 -25.72
N LYS A 27 17.63 4.40 -25.52
CA LYS A 27 16.66 4.41 -26.61
C LYS A 27 15.45 5.23 -26.20
N ALA A 28 14.48 5.34 -27.11
CA ALA A 28 13.28 6.12 -26.84
C ALA A 28 12.56 5.64 -25.59
N VAL A 29 12.06 6.58 -24.80
CA VAL A 29 11.22 6.23 -23.66
C VAL A 29 9.82 5.98 -24.18
N SER A 30 9.10 5.05 -23.55
CA SER A 30 7.76 4.70 -24.01
C SER A 30 6.68 5.10 -23.03
N SER A 31 6.99 5.06 -21.73
CA SER A 31 5.98 5.29 -20.71
C SER A 31 6.57 5.67 -19.36
N VAL A 32 5.94 6.63 -18.70
CA VAL A 32 6.31 6.99 -17.33
C VAL A 32 5.08 6.95 -16.42
N LYS A 33 5.23 6.35 -15.24
CA LYS A 33 4.12 6.22 -14.29
C LYS A 33 4.57 6.49 -12.86
N PHE A 34 3.77 7.26 -12.11
CA PHE A 34 4.04 7.49 -10.70
C PHE A 34 3.46 6.38 -9.83
N SER A 35 4.21 5.97 -8.81
CA SER A 35 3.71 4.99 -7.85
C SER A 35 2.57 5.60 -7.03
N PRO A 36 1.56 4.78 -6.67
CA PRO A 36 0.40 5.25 -5.89
C PRO A 36 0.78 5.93 -4.58
N ASN A 37 1.89 5.51 -3.97
CA ASN A 37 2.35 6.13 -2.73
C ASN A 37 3.10 7.45 -2.97
N GLY A 38 3.28 7.80 -4.24
CA GLY A 38 3.86 9.08 -4.61
C GLY A 38 5.37 9.16 -4.49
N GLU A 39 6.00 8.04 -4.15
CA GLU A 39 7.43 7.99 -3.87
CA GLU A 39 7.43 8.02 -3.88
C GLU A 39 8.28 7.87 -5.14
N TRP A 40 7.79 7.12 -6.12
CA TRP A 40 8.61 6.77 -7.26
CA TRP A 40 8.60 6.75 -7.27
C TRP A 40 7.99 7.10 -8.61
N LEU A 41 8.85 7.17 -9.63
CA LEU A 41 8.44 7.28 -11.02
C LEU A 41 9.10 6.12 -11.74
N ALA A 42 8.29 5.36 -12.49
CA ALA A 42 8.82 4.25 -13.26
C ALA A 42 8.81 4.64 -14.73
N SER A 43 9.89 4.31 -15.42
CA SER A 43 9.99 4.59 -16.84
C SER A 43 10.31 3.32 -17.61
N SER A 44 9.65 3.14 -18.75
CA SER A 44 9.98 2.02 -19.63
C SER A 44 10.53 2.59 -20.93
N SER A 45 11.25 1.77 -21.67
CA SER A 45 11.93 2.27 -22.87
C SER A 45 12.16 1.20 -23.91
N ALA A 46 12.45 1.64 -25.14
CA ALA A 46 12.79 0.74 -26.22
C ALA A 46 14.11 0.01 -25.98
N ASP A 47 14.88 0.46 -24.99
CA ASP A 47 16.16 -0.16 -24.67
C ASP A 47 16.06 -1.42 -23.82
N LYS A 48 14.85 -1.98 -23.74
CA LYS A 48 14.55 -3.20 -23.00
C LYS A 48 14.61 -3.06 -21.48
N LEU A 49 14.73 -1.83 -20.99
CA LEU A 49 14.94 -1.61 -19.56
C LEU A 49 13.81 -0.84 -18.90
N ILE A 50 13.65 -1.09 -17.60
CA ILE A 50 12.76 -0.29 -16.76
C ILE A 50 13.64 0.46 -15.77
N LYS A 51 13.36 1.73 -15.52
CA LYS A 51 14.11 2.44 -14.49
C LYS A 51 13.20 3.07 -13.45
N ILE A 52 13.63 3.00 -12.19
CA ILE A 52 12.91 3.58 -11.08
C ILE A 52 13.68 4.79 -10.55
N TRP A 53 12.99 5.91 -10.44
CA TRP A 53 13.55 7.18 -10.00
C TRP A 53 12.72 7.74 -8.84
N GLY A 54 13.33 8.64 -8.08
CA GLY A 54 12.61 9.37 -7.04
C GLY A 54 11.67 10.37 -7.67
N ALA A 55 10.42 10.38 -7.22
CA ALA A 55 9.39 11.22 -7.83
C ALA A 55 9.59 12.71 -7.53
N TYR A 56 10.26 13.01 -6.42
CA TYR A 56 10.42 14.40 -6.00
C TYR A 56 11.78 15.00 -6.38
N ASP A 57 12.80 14.15 -6.48
CA ASP A 57 14.15 14.64 -6.74
C ASP A 57 14.80 14.08 -8.01
N GLY A 58 14.19 13.06 -8.59
CA GLY A 58 14.69 12.47 -9.82
C GLY A 58 15.89 11.57 -9.59
N LYS A 59 16.15 11.23 -8.33
CA LYS A 59 17.27 10.37 -7.99
C LYS A 59 17.07 8.96 -8.52
N PHE A 60 18.07 8.46 -9.25
CA PHE A 60 18.05 7.09 -9.76
C PHE A 60 17.95 6.10 -8.61
N GLU A 61 16.92 5.25 -8.65
CA GLU A 61 16.76 4.22 -7.64
C GLU A 61 17.27 2.89 -8.18
N LYS A 62 16.73 2.44 -9.30
CA LYS A 62 17.24 1.18 -9.87
C LYS A 62 16.92 0.91 -11.33
N THR A 63 17.70 0.02 -11.93
CA THR A 63 17.42 -0.48 -13.25
C THR A 63 16.94 -1.93 -13.17
N ILE A 64 15.80 -2.19 -13.79
CA ILE A 64 15.17 -3.49 -13.80
C ILE A 64 15.20 -4.05 -15.22
N SER A 65 15.84 -5.20 -15.38
CA SER A 65 16.08 -5.80 -16.68
C SER A 65 15.59 -7.25 -16.71
N GLY A 66 15.36 -7.76 -17.91
CA GLY A 66 14.90 -9.12 -18.08
C GLY A 66 14.13 -9.33 -19.36
N HIS A 67 13.47 -8.27 -19.82
CA HIS A 67 12.71 -8.34 -21.08
C HIS A 67 13.67 -8.55 -22.25
N LYS A 68 13.21 -9.31 -23.24
CA LYS A 68 14.04 -9.67 -24.39
C LYS A 68 14.05 -8.59 -25.45
N LEU A 69 12.98 -7.79 -25.50
CA LEU A 69 12.91 -6.70 -26.48
C LEU A 69 12.40 -5.42 -25.82
N GLY A 70 12.18 -4.39 -26.64
CA GLY A 70 11.72 -3.10 -26.16
C GLY A 70 10.42 -3.15 -25.38
N ILE A 71 10.23 -2.17 -24.50
CA ILE A 71 9.05 -2.11 -23.64
C ILE A 71 8.18 -0.89 -23.99
N SER A 72 6.86 -1.09 -24.09
CA SER A 72 5.94 -0.04 -24.49
C SER A 72 5.15 0.58 -23.33
N ASP A 73 5.11 -0.09 -22.19
CA ASP A 73 4.27 0.38 -21.10
C ASP A 73 4.65 -0.27 -19.76
N VAL A 74 4.36 0.45 -18.67
CA VAL A 74 4.50 -0.08 -17.32
C VAL A 74 3.33 0.39 -16.47
N ALA A 75 3.09 -0.31 -15.36
CA ALA A 75 2.01 0.05 -14.44
C ALA A 75 2.31 -0.42 -13.03
N TRP A 76 1.91 0.36 -12.04
CA TRP A 76 2.13 0.02 -10.63
C TRP A 76 0.94 -0.68 -10.02
N SER A 77 1.21 -1.56 -9.06
CA SER A 77 0.15 -2.12 -8.22
C SER A 77 -0.27 -1.07 -7.19
N SER A 78 -1.45 -1.25 -6.58
CA SER A 78 -2.01 -0.28 -5.65
CA SER A 78 -1.99 -0.26 -5.67
C SER A 78 -1.16 -0.10 -4.40
N ASP A 79 -0.38 -1.11 -4.05
CA ASP A 79 0.46 -1.05 -2.86
C ASP A 79 1.87 -0.50 -3.18
N SER A 80 2.07 -0.12 -4.44
CA SER A 80 3.36 0.39 -4.93
C SER A 80 4.50 -0.62 -4.84
N ASN A 81 4.19 -1.90 -4.66
CA ASN A 81 5.22 -2.91 -4.49
C ASN A 81 5.56 -3.67 -5.77
N LEU A 82 4.63 -3.68 -6.71
CA LEU A 82 4.78 -4.44 -7.94
C LEU A 82 4.76 -3.53 -9.15
N LEU A 83 5.48 -3.93 -10.19
CA LEU A 83 5.33 -3.26 -11.48
C LEU A 83 5.01 -4.29 -12.54
N VAL A 84 4.14 -3.96 -13.48
CA VAL A 84 3.95 -4.84 -14.63
C VAL A 84 4.45 -4.11 -15.88
N SER A 85 5.09 -4.86 -16.78
CA SER A 85 5.62 -4.26 -17.99
C SER A 85 5.15 -5.02 -19.22
N ALA A 86 4.91 -4.28 -20.30
CA ALA A 86 4.44 -4.85 -21.57
C ALA A 86 5.51 -4.68 -22.65
N SER A 87 5.93 -5.80 -23.24
CA SER A 87 7.08 -5.77 -24.14
C SER A 87 6.86 -6.37 -25.51
N ASP A 88 7.72 -5.98 -26.45
CA ASP A 88 7.74 -6.53 -27.80
C ASP A 88 8.09 -8.02 -27.81
N ASP A 89 8.60 -8.54 -26.69
CA ASP A 89 8.94 -9.96 -26.62
C ASP A 89 7.72 -10.84 -26.40
N LYS A 90 6.53 -10.26 -26.60
CA LYS A 90 5.24 -10.93 -26.53
C LYS A 90 4.78 -11.27 -25.11
N THR A 91 5.56 -10.88 -24.11
CA THR A 91 5.21 -11.21 -22.73
C THR A 91 4.97 -9.97 -21.89
N LEU A 92 4.34 -10.17 -20.74
CA LEU A 92 4.38 -9.15 -19.71
C LEU A 92 5.25 -9.66 -18.59
N LYS A 93 5.74 -8.75 -17.77
CA LYS A 93 6.46 -9.20 -16.58
C LYS A 93 6.01 -8.50 -15.31
N ILE A 94 5.81 -9.29 -14.26
CA ILE A 94 5.52 -8.80 -12.93
C ILE A 94 6.79 -8.78 -12.11
N TRP A 95 7.12 -7.59 -11.60
CA TRP A 95 8.37 -7.28 -10.93
C TRP A 95 8.16 -6.88 -9.47
N ASP A 96 8.97 -7.47 -8.60
CA ASP A 96 9.15 -6.98 -7.23
C ASP A 96 10.03 -5.74 -7.34
N VAL A 97 9.44 -4.57 -7.09
CA VAL A 97 10.15 -3.31 -7.28
C VAL A 97 11.37 -3.17 -6.36
N SER A 98 11.23 -3.59 -5.11
CA SER A 98 12.30 -3.41 -4.13
C SER A 98 13.52 -4.30 -4.37
N SER A 99 13.36 -5.36 -5.16
CA SER A 99 14.47 -6.25 -5.45
C SER A 99 14.84 -6.23 -6.93
N GLY A 100 13.88 -5.85 -7.77
CA GLY A 100 14.09 -5.82 -9.20
C GLY A 100 13.98 -7.20 -9.82
N LYS A 101 13.57 -8.18 -9.04
CA LYS A 101 13.45 -9.54 -9.54
CA LYS A 101 13.43 -9.55 -9.50
C LYS A 101 12.11 -9.75 -10.26
N CYS A 102 12.15 -10.56 -11.32
CA CYS A 102 10.94 -10.90 -12.06
C CYS A 102 10.17 -11.95 -11.27
N LEU A 103 8.99 -11.56 -10.78
CA LEU A 103 8.16 -12.48 -10.03
C LEU A 103 7.41 -13.39 -10.97
N LYS A 104 6.82 -12.80 -12.02
CA LYS A 104 6.07 -13.62 -12.97
C LYS A 104 6.31 -13.21 -14.41
N THR A 105 6.25 -14.18 -15.33
CA THR A 105 6.25 -13.87 -16.75
C THR A 105 4.91 -14.29 -17.36
N LEU A 106 4.14 -13.29 -17.78
CA LEU A 106 2.82 -13.49 -18.35
C LEU A 106 2.93 -13.80 -19.84
N LYS A 107 2.71 -15.06 -20.19
CA LYS A 107 2.84 -15.55 -21.55
C LYS A 107 1.46 -15.94 -22.09
N GLY A 108 1.18 -15.55 -23.33
CA GLY A 108 -0.11 -15.81 -23.94
C GLY A 108 -0.29 -15.07 -25.25
N HIS A 109 0.11 -13.81 -25.27
CA HIS A 109 0.01 -13.00 -26.49
C HIS A 109 0.90 -13.55 -27.60
N SER A 110 0.49 -13.35 -28.85
CA SER A 110 1.21 -13.86 -30.00
C SER A 110 1.91 -12.75 -30.78
N ASN A 111 1.88 -11.54 -30.23
CA ASN A 111 2.58 -10.40 -30.81
C ASN A 111 2.94 -9.42 -29.70
N TYR A 112 3.44 -8.24 -30.09
CA TYR A 112 3.85 -7.21 -29.13
C TYR A 112 2.80 -6.92 -28.08
N VAL A 113 3.19 -6.89 -26.81
CA VAL A 113 2.29 -6.37 -25.78
C VAL A 113 2.51 -4.86 -25.68
N PHE A 114 1.42 -4.11 -25.79
CA PHE A 114 1.51 -2.67 -26.03
C PHE A 114 1.13 -1.84 -24.81
N CYS A 115 0.18 -2.35 -24.03
CA CYS A 115 -0.36 -1.58 -22.91
C CYS A 115 -0.76 -2.50 -21.76
N CYS A 116 -0.76 -1.97 -20.55
CA CYS A 116 -1.05 -2.78 -19.37
C CYS A 116 -1.50 -1.93 -18.19
N ASN A 117 -2.23 -2.57 -17.27
CA ASN A 117 -2.70 -1.90 -16.06
C ASN A 117 -3.13 -2.90 -14.99
N PHE A 118 -2.92 -2.55 -13.72
CA PHE A 118 -3.49 -3.30 -12.61
C PHE A 118 -4.90 -2.79 -12.36
N ASN A 119 -5.74 -3.63 -11.75
CA ASN A 119 -7.03 -3.17 -11.26
C ASN A 119 -6.81 -2.56 -9.88
N PRO A 120 -7.75 -1.74 -9.39
CA PRO A 120 -7.56 -1.07 -8.09
C PRO A 120 -7.21 -2.04 -6.95
N GLN A 121 -7.77 -3.24 -6.97
CA GLN A 121 -7.46 -4.25 -5.97
C GLN A 121 -6.07 -4.85 -6.22
N SER A 122 -5.62 -4.76 -7.47
CA SER A 122 -4.32 -5.28 -7.90
C SER A 122 -4.19 -6.80 -7.82
N ASN A 123 -5.31 -7.49 -7.98
CA ASN A 123 -5.31 -8.93 -8.09
C ASN A 123 -5.33 -9.33 -9.56
N LEU A 124 -5.63 -8.37 -10.42
CA LEU A 124 -5.71 -8.61 -11.85
C LEU A 124 -4.81 -7.67 -12.65
N ILE A 125 -4.43 -8.10 -13.85
CA ILE A 125 -3.72 -7.26 -14.79
C ILE A 125 -4.42 -7.34 -16.14
N VAL A 126 -4.68 -6.19 -16.75
CA VAL A 126 -5.22 -6.17 -18.09
C VAL A 126 -4.12 -5.77 -19.07
N SER A 127 -4.08 -6.42 -20.23
CA SER A 127 -3.09 -6.12 -21.25
C SER A 127 -3.74 -6.02 -22.62
N GLY A 128 -3.14 -5.20 -23.48
CA GLY A 128 -3.58 -5.09 -24.86
C GLY A 128 -2.38 -5.38 -25.74
N SER A 129 -2.62 -5.88 -26.95
CA SER A 129 -1.53 -6.38 -27.78
C SER A 129 -1.69 -6.11 -29.26
N PHE A 130 -0.58 -6.21 -29.97
CA PHE A 130 -0.60 -6.15 -31.44
C PHE A 130 -1.32 -7.36 -32.03
N ASP A 131 -1.57 -8.37 -31.21
CA ASP A 131 -2.31 -9.54 -31.65
C ASP A 131 -3.82 -9.29 -31.65
N GLU A 132 -4.19 -8.03 -31.34
CA GLU A 132 -5.56 -7.54 -31.41
C GLU A 132 -6.45 -8.05 -30.27
N SER A 133 -5.85 -8.64 -29.25
CA SER A 133 -6.62 -9.17 -28.12
C SER A 133 -6.35 -8.42 -26.82
N VAL A 134 -7.31 -8.48 -25.91
CA VAL A 134 -7.13 -7.96 -24.57
C VAL A 134 -7.11 -9.12 -23.59
N ARG A 135 -6.06 -9.23 -22.79
CA ARG A 135 -5.99 -10.35 -21.84
C ARG A 135 -6.12 -9.91 -20.38
N ILE A 136 -6.74 -10.77 -19.58
CA ILE A 136 -6.89 -10.54 -18.16
C ILE A 136 -6.17 -11.66 -17.39
N TRP A 137 -5.19 -11.23 -16.58
CA TRP A 137 -4.28 -12.13 -15.88
C TRP A 137 -4.50 -12.06 -14.38
N ASP A 138 -4.32 -13.20 -13.71
CA ASP A 138 -4.30 -13.24 -12.26
C ASP A 138 -2.87 -12.96 -11.76
N VAL A 139 -2.74 -11.96 -10.90
CA VAL A 139 -1.43 -11.52 -10.42
C VAL A 139 -0.73 -12.59 -9.60
N LYS A 140 -1.50 -13.26 -8.74
CA LYS A 140 -0.95 -14.24 -7.81
C LYS A 140 -0.34 -15.47 -8.51
N THR A 141 -1.03 -15.98 -9.53
CA THR A 141 -0.59 -17.20 -10.20
C THR A 141 0.13 -16.93 -11.52
N GLY A 142 -0.08 -15.74 -12.08
CA GLY A 142 0.51 -15.40 -13.36
C GLY A 142 -0.22 -16.03 -14.54
N LYS A 143 -1.33 -16.71 -14.26
CA LYS A 143 -2.08 -17.37 -15.32
C LYS A 143 -3.05 -16.40 -15.99
N CYS A 144 -3.24 -16.55 -17.29
CA CYS A 144 -4.22 -15.77 -18.02
C CYS A 144 -5.62 -16.27 -17.67
N LEU A 145 -6.43 -15.39 -17.09
CA LEU A 145 -7.81 -15.75 -16.73
C LEU A 145 -8.73 -15.66 -17.92
N LYS A 146 -8.64 -14.57 -18.67
CA LYS A 146 -9.50 -14.40 -19.83
C LYS A 146 -8.78 -13.84 -21.05
N THR A 147 -9.24 -14.23 -22.24
CA THR A 147 -8.77 -13.65 -23.48
C THR A 147 -9.94 -13.08 -24.27
N LEU A 148 -10.08 -11.76 -24.24
CA LEU A 148 -11.13 -11.07 -24.96
C LEU A 148 -10.69 -10.75 -26.38
N PRO A 149 -11.38 -11.33 -27.38
CA PRO A 149 -11.18 -10.99 -28.79
C PRO A 149 -11.72 -9.58 -29.02
N ALA A 150 -10.94 -8.59 -28.61
CA ALA A 150 -11.42 -7.23 -28.44
C ALA A 150 -11.58 -6.42 -29.72
N HIS A 151 -10.57 -6.46 -30.58
CA HIS A 151 -10.49 -5.52 -31.68
C HIS A 151 -10.03 -6.16 -32.98
N SER A 152 -9.99 -5.36 -34.03
CA SER A 152 -9.58 -5.85 -35.35
CA SER A 152 -9.58 -5.85 -35.35
C SER A 152 -8.24 -5.24 -35.76
N ASP A 153 -7.56 -4.64 -34.80
CA ASP A 153 -6.25 -3.98 -35.00
C ASP A 153 -5.53 -3.98 -33.65
N PRO A 154 -4.23 -3.62 -33.63
CA PRO A 154 -3.50 -3.55 -32.35
C PRO A 154 -4.25 -2.75 -31.28
N VAL A 155 -4.25 -3.28 -30.05
CA VAL A 155 -4.92 -2.63 -28.94
C VAL A 155 -4.00 -1.56 -28.35
N SER A 156 -4.47 -0.32 -28.35
CA SER A 156 -3.63 0.84 -28.02
C SER A 156 -3.64 1.19 -26.54
N ALA A 157 -4.74 0.89 -25.85
CA ALA A 157 -4.84 1.18 -24.43
C ALA A 157 -5.84 0.25 -23.76
N VAL A 158 -5.58 -0.06 -22.49
CA VAL A 158 -6.50 -0.83 -21.66
C VAL A 158 -6.45 -0.23 -20.27
N HIS A 159 -7.61 -0.12 -19.62
CA HIS A 159 -7.70 0.57 -18.33
C HIS A 159 -8.90 0.13 -17.52
N PHE A 160 -8.68 -0.17 -16.24
CA PHE A 160 -9.77 -0.51 -15.33
C PHE A 160 -10.44 0.77 -14.83
N ASN A 161 -11.74 0.69 -14.56
CA ASN A 161 -12.42 1.77 -13.85
C ASN A 161 -12.06 1.69 -12.38
N ARG A 162 -12.48 2.68 -11.60
CA ARG A 162 -12.10 2.75 -10.19
C ARG A 162 -12.70 1.60 -9.37
N ASP A 163 -13.75 0.97 -9.90
CA ASP A 163 -14.39 -0.15 -9.23
C ASP A 163 -13.78 -1.49 -9.66
N GLY A 164 -13.18 -1.50 -10.85
CA GLY A 164 -12.48 -2.67 -11.33
C GLY A 164 -13.37 -3.59 -12.16
N SER A 165 -14.66 -3.25 -12.22
CA SER A 165 -15.64 -4.10 -12.88
C SER A 165 -15.68 -3.86 -14.37
N LEU A 166 -15.17 -2.71 -14.80
CA LEU A 166 -15.14 -2.38 -16.21
C LEU A 166 -13.72 -2.26 -16.72
N ILE A 167 -13.52 -2.68 -17.97
CA ILE A 167 -12.24 -2.47 -18.65
C ILE A 167 -12.52 -1.72 -19.93
N VAL A 168 -11.88 -0.56 -20.08
CA VAL A 168 -12.00 0.17 -21.34
C VAL A 168 -10.81 -0.17 -22.23
N SER A 169 -11.07 -0.38 -23.52
CA SER A 169 -10.00 -0.67 -24.46
C SER A 169 -10.17 0.17 -25.72
N SER A 170 -9.05 0.45 -26.39
CA SER A 170 -9.07 1.22 -27.63
C SER A 170 -8.16 0.54 -28.66
N SER A 171 -8.31 0.95 -29.91
CA SER A 171 -7.54 0.33 -30.98
C SER A 171 -7.48 1.22 -32.21
N TYR A 172 -6.53 0.92 -33.10
CA TYR A 172 -6.44 1.57 -34.39
C TYR A 172 -7.64 1.29 -35.28
N ASP A 173 -8.48 0.34 -34.88
CA ASP A 173 -9.65 -0.02 -35.70
C ASP A 173 -10.77 1.01 -35.59
N GLY A 174 -10.63 1.94 -34.64
CA GLY A 174 -11.57 3.03 -34.49
C GLY A 174 -12.57 2.83 -33.37
N LEU A 175 -12.41 1.75 -32.61
CA LEU A 175 -13.36 1.41 -31.57
C LEU A 175 -12.88 1.67 -30.14
N CYS A 176 -13.84 1.96 -29.27
CA CYS A 176 -13.58 2.04 -27.83
CA CYS A 176 -13.58 2.04 -27.83
C CYS A 176 -14.60 1.14 -27.14
N ARG A 177 -14.11 0.15 -26.40
CA ARG A 177 -15.04 -0.82 -25.82
C ARG A 177 -15.01 -0.89 -24.29
N ILE A 178 -16.20 -1.03 -23.72
CA ILE A 178 -16.38 -1.27 -22.30
C ILE A 178 -16.72 -2.74 -22.07
N TRP A 179 -15.85 -3.40 -21.31
CA TRP A 179 -15.95 -4.83 -21.03
C TRP A 179 -16.30 -5.04 -19.57
N ASP A 180 -17.11 -6.05 -19.29
CA ASP A 180 -17.37 -6.47 -17.92
C ASP A 180 -16.18 -7.32 -17.48
N THR A 181 -15.53 -6.93 -16.40
CA THR A 181 -14.36 -7.66 -15.89
C THR A 181 -14.74 -9.09 -15.51
N ALA A 182 -15.82 -9.23 -14.74
CA ALA A 182 -16.24 -10.53 -14.21
C ALA A 182 -16.61 -11.54 -15.30
N SER A 183 -17.31 -11.08 -16.33
CA SER A 183 -17.82 -11.98 -17.36
C SER A 183 -16.95 -11.98 -18.62
N GLY A 184 -16.40 -10.82 -18.95
CA GLY A 184 -15.64 -10.67 -20.18
C GLY A 184 -16.49 -10.21 -21.35
N GLN A 185 -17.76 -9.94 -21.07
CA GLN A 185 -18.68 -9.49 -22.12
C GLN A 185 -18.45 -8.03 -22.45
N CYS A 186 -18.45 -7.72 -23.75
CA CYS A 186 -18.42 -6.33 -24.20
C CYS A 186 -19.71 -5.64 -23.78
N LEU A 187 -19.65 -4.85 -22.70
CA LEU A 187 -20.83 -4.18 -22.18
C LEU A 187 -21.28 -3.01 -23.03
N LYS A 188 -20.34 -2.32 -23.67
CA LYS A 188 -20.70 -1.21 -24.54
C LYS A 188 -19.65 -0.97 -25.63
N THR A 189 -20.08 -0.44 -26.76
CA THR A 189 -19.14 -0.10 -27.83
C THR A 189 -19.36 1.31 -28.35
N LEU A 190 -18.44 2.20 -28.03
CA LEU A 190 -18.47 3.58 -28.50
C LEU A 190 -18.08 3.64 -29.98
N ILE A 191 -18.89 4.35 -30.76
CA ILE A 191 -18.69 4.41 -32.19
C ILE A 191 -18.68 5.84 -32.73
N ASP A 192 -17.68 6.15 -33.55
CA ASP A 192 -17.65 7.40 -34.29
C ASP A 192 -17.81 7.06 -35.76
N ASP A 193 -18.75 7.73 -36.42
CA ASP A 193 -19.06 7.46 -37.82
C ASP A 193 -17.88 7.73 -38.74
N ASP A 194 -16.98 8.60 -38.31
CA ASP A 194 -15.78 8.92 -39.07
C ASP A 194 -14.66 7.93 -38.74
N ASN A 195 -14.82 7.25 -37.61
CA ASN A 195 -13.95 6.13 -37.22
C ASN A 195 -12.44 6.35 -37.27
N PRO A 196 -11.93 7.45 -36.68
CA PRO A 196 -10.47 7.58 -36.70
C PRO A 196 -9.82 6.60 -35.72
N PRO A 197 -8.56 6.22 -35.96
CA PRO A 197 -7.86 5.31 -35.04
C PRO A 197 -7.83 5.87 -33.63
N VAL A 198 -8.27 5.08 -32.66
CA VAL A 198 -8.24 5.50 -31.27
C VAL A 198 -6.92 5.07 -30.65
N SER A 199 -6.09 6.04 -30.30
CA SER A 199 -4.70 5.77 -29.90
C SER A 199 -4.51 5.71 -28.39
N PHE A 200 -5.50 6.21 -27.65
CA PHE A 200 -5.46 6.12 -26.19
C PHE A 200 -6.85 6.28 -25.58
N VAL A 201 -7.09 5.57 -24.48
CA VAL A 201 -8.33 5.70 -23.75
C VAL A 201 -8.09 5.47 -22.26
N LYS A 202 -8.90 6.12 -21.43
CA LYS A 202 -8.74 6.06 -19.99
C LYS A 202 -10.02 6.51 -19.30
N PHE A 203 -10.42 5.79 -18.25
CA PHE A 203 -11.55 6.19 -17.43
C PHE A 203 -11.22 7.48 -16.69
N SER A 204 -12.22 8.34 -16.52
CA SER A 204 -12.09 9.48 -15.63
C SER A 204 -12.00 8.93 -14.20
N PRO A 205 -11.43 9.72 -13.27
CA PRO A 205 -11.34 9.27 -11.87
C PRO A 205 -12.70 9.08 -11.18
N ASN A 206 -13.78 9.05 -11.95
CA ASN A 206 -15.11 8.82 -11.41
C ASN A 206 -15.83 7.69 -12.12
N GLY A 207 -15.20 7.17 -13.16
CA GLY A 207 -15.75 6.05 -13.92
C GLY A 207 -16.92 6.42 -14.80
N LYS A 208 -17.34 7.69 -14.74
CA LYS A 208 -18.50 8.15 -15.48
C LYS A 208 -18.14 8.40 -16.94
N TYR A 209 -16.92 8.85 -17.17
CA TYR A 209 -16.48 9.22 -18.50
C TYR A 209 -15.22 8.49 -18.94
N ILE A 210 -14.97 8.47 -20.23
CA ILE A 210 -13.68 8.01 -20.75
C ILE A 210 -13.03 9.10 -21.61
N LEU A 211 -11.75 9.32 -21.37
CA LEU A 211 -10.97 10.23 -22.19
C LEU A 211 -10.35 9.43 -23.33
N ALA A 212 -10.74 9.75 -24.56
CA ALA A 212 -10.27 9.01 -25.72
C ALA A 212 -9.50 9.91 -26.68
N ALA A 213 -8.29 9.47 -27.03
CA ALA A 213 -7.48 10.16 -28.03
C ALA A 213 -7.68 9.50 -29.38
N THR A 214 -7.83 10.32 -30.42
CA THR A 214 -7.89 9.80 -31.78
C THR A 214 -6.80 10.43 -32.62
N LEU A 215 -6.34 9.70 -33.64
CA LEU A 215 -5.23 10.16 -34.44
C LEU A 215 -5.64 11.19 -35.50
N ASP A 216 -6.50 12.11 -35.07
CA ASP A 216 -6.90 13.26 -35.89
C ASP A 216 -6.70 14.52 -35.06
N ASN A 217 -5.67 14.49 -34.21
CA ASN A 217 -5.31 15.62 -33.35
C ASN A 217 -6.43 16.03 -32.41
N THR A 218 -7.08 15.04 -31.81
CA THR A 218 -8.25 15.33 -30.98
C THR A 218 -8.28 14.47 -29.72
N LEU A 219 -8.62 15.10 -28.60
CA LEU A 219 -8.97 14.36 -27.39
C LEU A 219 -10.45 14.59 -27.12
N LYS A 220 -11.13 13.57 -26.59
CA LYS A 220 -12.56 13.69 -26.32
C LYS A 220 -12.95 13.11 -24.96
N LEU A 221 -13.74 13.85 -24.21
CA LEU A 221 -14.32 13.36 -22.98
C LEU A 221 -15.73 12.84 -23.26
N TRP A 222 -15.86 11.51 -23.22
CA TRP A 222 -17.08 10.80 -23.61
C TRP A 222 -17.87 10.29 -22.42
N ASP A 223 -19.19 10.41 -22.48
CA ASP A 223 -20.07 9.66 -21.60
C ASP A 223 -20.46 8.39 -22.36
N TYR A 224 -19.76 7.29 -22.07
CA TYR A 224 -19.93 6.05 -22.80
C TYR A 224 -21.33 5.44 -22.65
N SER A 225 -21.99 5.76 -21.54
CA SER A 225 -23.35 5.27 -21.30
C SER A 225 -24.32 5.80 -22.33
N LYS A 226 -24.36 7.13 -22.48
CA LYS A 226 -25.26 7.76 -23.45
C LYS A 226 -24.66 7.74 -24.84
N GLY A 227 -23.34 7.59 -24.90
CA GLY A 227 -22.63 7.60 -26.16
C GLY A 227 -22.53 9.00 -26.74
N LYS A 228 -22.49 10.00 -25.86
CA LYS A 228 -22.39 11.38 -26.28
C LYS A 228 -21.05 12.00 -25.89
N CYS A 229 -20.45 12.74 -26.82
CA CYS A 229 -19.20 13.43 -26.56
C CYS A 229 -19.45 14.69 -25.75
N LEU A 230 -18.96 14.71 -24.51
CA LEU A 230 -19.18 15.85 -23.62
C LEU A 230 -18.15 16.95 -23.84
N LYS A 231 -16.87 16.59 -23.92
CA LYS A 231 -15.84 17.60 -24.14
C LYS A 231 -14.93 17.28 -25.31
N THR A 232 -14.33 18.31 -25.89
CA THR A 232 -13.37 18.14 -26.98
C THR A 232 -12.17 19.06 -26.79
N TYR A 233 -10.98 18.48 -26.82
CA TYR A 233 -9.74 19.22 -26.61
C TYR A 233 -8.83 19.13 -27.84
N THR A 234 -8.46 20.29 -28.37
CA THR A 234 -7.60 20.37 -29.55
C THR A 234 -6.51 21.42 -29.39
N GLY A 235 -5.69 21.58 -30.43
CA GLY A 235 -4.59 22.52 -30.42
C GLY A 235 -3.26 21.80 -30.52
N HIS A 236 -3.25 20.54 -30.09
CA HIS A 236 -2.03 19.74 -30.09
C HIS A 236 -1.91 18.92 -31.36
N LYS A 237 -0.81 18.18 -31.50
CA LYS A 237 -0.59 17.35 -32.67
C LYS A 237 -0.51 15.88 -32.30
N ASN A 238 -1.39 15.08 -32.88
CA ASN A 238 -1.42 13.65 -32.62
C ASN A 238 -2.03 12.89 -33.79
N GLU A 239 -1.17 12.41 -34.69
CA GLU A 239 -1.62 11.71 -35.88
C GLU A 239 -0.87 10.38 -36.08
N LYS A 240 0.17 10.16 -35.29
CA LYS A 240 1.06 9.02 -35.54
C LYS A 240 1.25 8.05 -34.37
N TYR A 241 1.30 8.58 -33.15
CA TYR A 241 1.68 7.76 -31.99
C TYR A 241 0.57 7.59 -30.97
N CYS A 242 0.70 6.55 -30.14
CA CYS A 242 -0.23 6.33 -29.04
C CYS A 242 0.27 7.06 -27.80
N ILE A 243 -0.16 8.31 -27.66
CA ILE A 243 0.31 9.20 -26.60
C ILE A 243 -0.62 9.17 -25.39
N PHE A 244 -0.04 9.01 -24.21
CA PHE A 244 -0.82 8.97 -22.97
C PHE A 244 -1.51 10.31 -22.70
N ALA A 245 -2.70 10.25 -22.11
CA ALA A 245 -3.38 11.44 -21.61
C ALA A 245 -3.82 11.22 -20.16
N ASN A 246 -4.08 12.29 -19.45
CA ASN A 246 -4.31 12.23 -18.00
C ASN A 246 -5.35 13.23 -17.52
N PHE A 247 -6.03 12.87 -16.44
CA PHE A 247 -6.85 13.82 -15.70
C PHE A 247 -6.03 14.33 -14.53
N SER A 248 -5.77 15.64 -14.51
CA SER A 248 -5.06 16.25 -13.40
C SER A 248 -6.08 16.71 -12.36
N VAL A 249 -5.93 16.24 -11.13
CA VAL A 249 -6.95 16.46 -10.11
C VAL A 249 -6.40 16.98 -8.77
N THR A 250 -5.09 17.06 -8.65
CA THR A 250 -4.48 17.50 -7.40
C THR A 250 -4.66 19.00 -7.15
N GLY A 251 -4.72 19.76 -8.24
CA GLY A 251 -4.99 21.18 -8.16
C GLY A 251 -6.23 21.52 -8.97
N GLY A 252 -6.05 22.36 -9.98
CA GLY A 252 -7.12 22.63 -10.92
C GLY A 252 -7.41 21.39 -11.74
N LYS A 253 -8.65 21.28 -12.22
CA LYS A 253 -9.06 20.12 -13.01
C LYS A 253 -8.60 20.26 -14.45
N TRP A 254 -7.46 19.67 -14.78
CA TRP A 254 -6.93 19.78 -16.13
C TRP A 254 -6.97 18.48 -16.92
N ILE A 255 -6.87 18.61 -18.23
CA ILE A 255 -6.53 17.48 -19.09
C ILE A 255 -5.08 17.66 -19.51
N VAL A 256 -4.26 16.61 -19.35
CA VAL A 256 -2.84 16.71 -19.64
C VAL A 256 -2.41 15.69 -20.68
N SER A 257 -1.74 16.13 -21.74
CA SER A 257 -1.31 15.18 -22.77
C SER A 257 0.00 15.55 -23.43
N GLY A 258 0.75 14.54 -23.88
CA GLY A 258 1.91 14.78 -24.70
C GLY A 258 1.45 15.15 -26.10
N SER A 259 2.39 15.56 -26.94
CA SER A 259 2.05 15.99 -28.29
C SER A 259 3.21 15.72 -29.22
N GLU A 260 2.92 15.59 -30.51
CA GLU A 260 3.93 15.27 -31.51
C GLU A 260 4.68 16.51 -31.98
N ASP A 261 4.34 17.66 -31.41
CA ASP A 261 5.10 18.88 -31.66
C ASP A 261 6.05 19.16 -30.50
N ASN A 262 6.37 18.09 -29.75
CA ASN A 262 7.36 18.11 -28.67
C ASN A 262 6.93 18.82 -27.39
N LEU A 263 5.66 19.21 -27.30
CA LEU A 263 5.18 19.97 -26.16
C LEU A 263 4.28 19.16 -25.24
N VAL A 264 4.19 19.60 -23.99
CA VAL A 264 3.16 19.08 -23.11
C VAL A 264 1.97 20.04 -23.11
N TYR A 265 0.78 19.52 -23.43
CA TYR A 265 -0.42 20.35 -23.45
C TYR A 265 -1.26 20.16 -22.20
N ILE A 266 -1.73 21.28 -21.65
CA ILE A 266 -2.62 21.27 -20.50
C ILE A 266 -3.83 22.14 -20.79
N TRP A 267 -5.00 21.50 -20.78
CA TRP A 267 -6.28 22.16 -21.02
C TRP A 267 -7.07 22.29 -19.73
N ASN A 268 -7.90 23.32 -19.66
CA ASN A 268 -8.95 23.38 -18.64
C ASN A 268 -10.03 22.39 -19.05
N LEU A 269 -10.37 21.47 -18.15
CA LEU A 269 -11.30 20.38 -18.48
C LEU A 269 -12.68 20.89 -18.89
N GLN A 270 -13.18 21.89 -18.15
CA GLN A 270 -14.52 22.40 -18.40
C GLN A 270 -14.61 23.36 -19.58
N THR A 271 -13.65 24.28 -19.66
CA THR A 271 -13.69 25.32 -20.69
C THR A 271 -13.07 24.84 -22.00
N LYS A 272 -12.30 23.77 -21.91
CA LYS A 272 -11.60 23.17 -23.06
C LYS A 272 -10.50 24.06 -23.63
N GLU A 273 -10.17 25.14 -22.91
CA GLU A 273 -9.14 26.07 -23.35
C GLU A 273 -7.76 25.56 -22.95
N ILE A 274 -6.79 25.73 -23.84
CA ILE A 274 -5.40 25.43 -23.52
C ILE A 274 -4.90 26.41 -22.46
N VAL A 275 -4.57 25.90 -21.28
CA VAL A 275 -4.13 26.76 -20.19
C VAL A 275 -2.61 26.77 -20.03
N GLN A 276 -1.93 25.73 -20.51
CA GLN A 276 -0.46 25.77 -20.49
C GLN A 276 0.22 24.83 -21.49
N LYS A 277 1.35 25.28 -22.03
CA LYS A 277 2.21 24.42 -22.85
C LYS A 277 3.61 24.33 -22.22
N LEU A 278 4.03 23.12 -21.91
CA LEU A 278 5.35 22.89 -21.33
C LEU A 278 6.37 22.59 -22.43
N GLN A 279 7.39 23.44 -22.50
CA GLN A 279 8.42 23.35 -23.52
C GLN A 279 9.76 22.89 -22.97
N GLY A 280 10.44 22.02 -23.72
CA GLY A 280 11.73 21.50 -23.31
C GLY A 280 12.12 20.27 -24.10
N HIS A 281 11.17 19.36 -24.33
CA HIS A 281 11.46 18.16 -25.08
C HIS A 281 11.79 18.50 -26.54
N THR A 282 12.56 17.64 -27.18
CA THR A 282 12.99 17.87 -28.56
C THR A 282 12.55 16.70 -29.46
N ASP A 283 11.65 15.88 -28.95
CA ASP A 283 11.01 14.84 -29.75
C ASP A 283 9.61 14.64 -29.20
N VAL A 284 8.82 13.81 -29.88
CA VAL A 284 7.43 13.59 -29.51
C VAL A 284 7.31 13.19 -28.04
N VAL A 285 6.48 13.93 -27.30
CA VAL A 285 6.24 13.63 -25.90
C VAL A 285 5.26 12.47 -25.84
N ILE A 286 5.80 11.26 -25.85
CA ILE A 286 4.98 10.06 -25.96
C ILE A 286 4.21 9.82 -24.67
N SER A 287 4.77 10.26 -23.54
CA SER A 287 4.13 9.92 -22.28
C SER A 287 4.06 11.07 -21.28
N THR A 288 2.92 11.20 -20.60
CA THR A 288 2.79 12.12 -19.48
C THR A 288 2.06 11.43 -18.34
N ALA A 289 2.42 11.78 -17.10
CA ALA A 289 1.76 11.22 -15.92
C ALA A 289 1.60 12.29 -14.85
N CYS A 290 0.59 12.13 -14.01
CA CYS A 290 0.32 13.08 -12.93
C CYS A 290 0.54 12.46 -11.56
N HIS A 291 1.29 13.15 -10.71
CA HIS A 291 1.55 12.69 -9.34
C HIS A 291 0.24 12.52 -8.58
N PRO A 292 0.13 11.46 -7.76
CA PRO A 292 -1.11 11.15 -7.05
C PRO A 292 -1.58 12.22 -6.05
N THR A 293 -0.64 12.93 -5.42
CA THR A 293 -1.01 13.91 -4.39
C THR A 293 -0.51 15.33 -4.65
N GLU A 294 0.63 15.45 -5.33
CA GLU A 294 1.23 16.75 -5.58
C GLU A 294 1.01 17.22 -7.02
N ASN A 295 1.07 18.53 -7.23
CA ASN A 295 0.95 19.10 -8.57
C ASN A 295 2.25 18.90 -9.37
N ILE A 296 2.52 17.65 -9.73
CA ILE A 296 3.75 17.30 -10.44
C ILE A 296 3.43 16.48 -11.68
N ILE A 297 4.00 16.89 -12.81
CA ILE A 297 3.80 16.17 -14.06
C ILE A 297 5.12 15.56 -14.54
N ALA A 298 5.09 14.29 -14.92
CA ALA A 298 6.26 13.69 -15.54
C ALA A 298 6.00 13.55 -17.02
N SER A 299 7.02 13.77 -17.85
CA SER A 299 6.87 13.66 -19.29
C SER A 299 8.06 12.92 -19.88
N ALA A 300 7.84 12.23 -20.98
CA ALA A 300 8.90 11.48 -21.63
C ALA A 300 8.72 11.46 -23.14
N ALA A 301 9.85 11.44 -23.83
CA ALA A 301 9.91 11.69 -25.26
C ALA A 301 10.70 10.62 -26.03
N LEU A 302 10.55 10.63 -27.35
CA LEU A 302 11.10 9.58 -28.18
C LEU A 302 12.58 9.72 -28.53
N GLU A 303 12.99 9.01 -29.59
CA GLU A 303 14.41 8.74 -29.90
C GLU A 303 15.37 9.93 -29.91
N ASN A 304 14.96 11.05 -30.52
CA ASN A 304 15.82 12.23 -30.60
C ASN A 304 16.01 12.90 -29.25
N ASP A 305 15.19 12.52 -28.29
CA ASP A 305 15.19 13.15 -26.96
C ASP A 305 15.69 12.17 -25.90
N LYS A 306 14.89 11.12 -25.66
CA LYS A 306 15.23 10.05 -24.72
C LYS A 306 15.24 10.44 -23.25
N THR A 307 14.80 11.65 -22.93
CA THR A 307 14.83 12.10 -21.54
C THR A 307 13.46 12.09 -20.87
N ILE A 308 13.49 12.15 -19.54
CA ILE A 308 12.29 12.29 -18.74
C ILE A 308 12.39 13.63 -18.05
N LYS A 309 11.28 14.36 -17.99
CA LYS A 309 11.27 15.65 -17.33
C LYS A 309 10.20 15.71 -16.26
N LEU A 310 10.54 16.33 -15.13
CA LEU A 310 9.60 16.53 -14.03
C LEU A 310 9.26 18.00 -13.91
N TRP A 311 7.97 18.31 -13.79
CA TRP A 311 7.51 19.68 -13.77
C TRP A 311 6.65 19.91 -12.53
N LYS A 312 6.87 21.04 -11.84
CA LYS A 312 6.10 21.35 -10.64
C LYS A 312 5.29 22.65 -10.77
N SER A 313 4.06 22.61 -10.29
CA SER A 313 3.17 23.77 -10.31
C SER A 313 2.65 24.10 -8.91
N ASP A 314 2.17 25.33 -8.73
CA ASP A 314 1.63 25.76 -7.45
C ASP A 314 0.15 25.40 -7.34
N CYS A 315 -0.53 25.40 -8.47
CA CYS A 315 -1.95 25.08 -8.50
C CYS A 315 -2.25 24.04 -9.58
N LYS B 13 8.41 -23.68 4.86
CA LYS B 13 8.02 -22.36 4.38
C LYS B 13 6.51 -22.20 4.47
N PRO B 14 6.06 -21.13 5.15
CA PRO B 14 4.62 -20.92 5.34
C PRO B 14 3.94 -20.56 4.02
N ASN B 15 2.64 -20.85 3.92
CA ASN B 15 1.87 -20.50 2.74
C ASN B 15 0.59 -19.76 3.10
N TYR B 16 0.74 -18.66 3.82
CA TYR B 16 -0.41 -17.85 4.22
C TYR B 16 -1.14 -17.29 3.00
N ALA B 17 -2.46 -17.42 3.02
CA ALA B 17 -3.30 -16.93 1.93
C ALA B 17 -4.45 -16.13 2.50
N LEU B 18 -4.85 -15.09 1.76
CA LEU B 18 -5.93 -14.22 2.20
C LEU B 18 -7.27 -14.94 2.22
N LYS B 19 -7.96 -14.88 3.36
CA LYS B 19 -9.24 -15.54 3.52
C LYS B 19 -10.37 -14.53 3.69
N PHE B 20 -10.11 -13.46 4.44
CA PHE B 20 -11.13 -12.44 4.69
C PHE B 20 -10.55 -11.04 4.74
N THR B 21 -11.37 -10.06 4.33
CA THR B 21 -11.03 -8.66 4.47
C THR B 21 -12.17 -7.95 5.20
N LEU B 22 -11.84 -7.38 6.37
CA LEU B 22 -12.86 -6.82 7.26
C LEU B 22 -12.84 -5.29 7.21
N ALA B 23 -13.92 -4.71 6.68
CA ALA B 23 -14.03 -3.26 6.59
C ALA B 23 -15.14 -2.74 7.50
N GLY B 24 -14.77 -2.17 8.63
CA GLY B 24 -15.74 -1.70 9.60
C GLY B 24 -15.41 -0.34 10.17
N HIS B 25 -14.13 -0.02 10.22
CA HIS B 25 -13.70 1.26 10.78
C HIS B 25 -13.70 2.37 9.74
N THR B 26 -14.02 3.57 10.19
CA THR B 26 -14.06 4.74 9.30
C THR B 26 -12.77 5.53 9.37
N LYS B 27 -11.89 5.13 10.28
CA LYS B 27 -10.57 5.72 10.40
C LYS B 27 -9.52 4.63 10.44
N ALA B 28 -8.25 5.02 10.52
CA ALA B 28 -7.15 4.06 10.55
C ALA B 28 -7.32 3.07 11.69
N VAL B 29 -7.00 1.80 11.42
CA VAL B 29 -6.96 0.79 12.46
C VAL B 29 -5.63 0.93 13.19
N SER B 30 -5.61 0.65 14.49
CA SER B 30 -4.40 0.81 15.28
C SER B 30 -3.85 -0.52 15.78
N SER B 31 -4.74 -1.45 16.07
CA SER B 31 -4.34 -2.71 16.71
C SER B 31 -5.37 -3.81 16.54
N VAL B 32 -4.88 -5.03 16.27
CA VAL B 32 -5.73 -6.22 16.25
C VAL B 32 -5.16 -7.31 17.16
N LYS B 33 -6.03 -7.93 17.95
CA LYS B 33 -5.62 -8.96 18.90
C LYS B 33 -6.60 -10.13 18.91
N PHE B 34 -6.07 -11.35 18.92
CA PHE B 34 -6.90 -12.55 19.04
C PHE B 34 -7.17 -12.88 20.52
N SER B 35 -8.41 -13.28 20.81
CA SER B 35 -8.74 -13.73 22.16
C SER B 35 -8.01 -15.04 22.46
N PRO B 36 -7.60 -15.23 23.73
CA PRO B 36 -6.88 -16.43 24.16
C PRO B 36 -7.62 -17.73 23.84
N ASN B 37 -8.96 -17.70 23.85
CA ASN B 37 -9.74 -18.88 23.51
C ASN B 37 -9.86 -19.13 22.01
N GLY B 38 -9.29 -18.21 21.22
CA GLY B 38 -9.21 -18.36 19.78
C GLY B 38 -10.50 -18.04 19.03
N GLU B 39 -11.51 -17.58 19.76
CA GLU B 39 -12.83 -17.36 19.19
CA GLU B 39 -12.82 -17.37 19.16
C GLU B 39 -12.96 -16.01 18.48
N TRP B 40 -12.30 -14.98 19.01
CA TRP B 40 -12.54 -13.63 18.53
CA TRP B 40 -12.54 -13.63 18.55
C TRP B 40 -11.28 -12.88 18.12
N LEU B 41 -11.48 -11.83 17.34
CA LEU B 41 -10.43 -10.87 16.99
C LEU B 41 -10.98 -9.51 17.41
N ALA B 42 -10.18 -8.76 18.15
CA ALA B 42 -10.56 -7.43 18.56
C ALA B 42 -9.75 -6.42 17.78
N SER B 43 -10.40 -5.36 17.32
CA SER B 43 -9.71 -4.32 16.59
C SER B 43 -9.98 -2.98 17.22
N SER B 44 -8.95 -2.15 17.32
CA SER B 44 -9.12 -0.78 17.79
C SER B 44 -8.79 0.16 16.65
N SER B 45 -9.27 1.39 16.73
CA SER B 45 -9.11 2.32 15.62
C SER B 45 -9.12 3.78 16.04
N ALA B 46 -8.63 4.63 15.16
CA ALA B 46 -8.65 6.07 15.38
C ALA B 46 -10.08 6.63 15.42
N ASP B 47 -11.06 5.82 15.00
CA ASP B 47 -12.45 6.25 14.98
C ASP B 47 -13.16 6.15 16.34
N LYS B 48 -12.36 6.00 17.40
CA LYS B 48 -12.84 5.92 18.78
C LYS B 48 -13.57 4.62 19.13
N LEU B 49 -13.54 3.66 18.21
CA LEU B 49 -14.33 2.44 18.39
C LEU B 49 -13.50 1.18 18.53
N ILE B 50 -14.05 0.19 19.21
CA ILE B 50 -13.49 -1.15 19.26
C ILE B 50 -14.47 -2.07 18.54
N LYS B 51 -13.98 -2.98 17.71
CA LYS B 51 -14.88 -3.95 17.11
C LYS B 51 -14.44 -5.40 17.36
N ILE B 52 -15.42 -6.25 17.62
CA ILE B 52 -15.20 -7.67 17.85
C ILE B 52 -15.73 -8.46 16.66
N TRP B 53 -14.86 -9.31 16.11
CA TRP B 53 -15.16 -10.14 14.96
C TRP B 53 -14.89 -11.61 15.26
N GLY B 54 -15.48 -12.50 14.47
CA GLY B 54 -15.17 -13.91 14.56
C GLY B 54 -13.79 -14.18 13.99
N ALA B 55 -12.97 -14.93 14.73
CA ALA B 55 -11.58 -15.15 14.34
C ALA B 55 -11.45 -16.06 13.11
N TYR B 56 -12.43 -16.93 12.92
CA TYR B 56 -12.36 -17.91 11.83
C TYR B 56 -13.12 -17.48 10.58
N ASP B 57 -14.17 -16.68 10.74
CA ASP B 57 -15.01 -16.31 9.60
C ASP B 57 -15.10 -14.80 9.35
N GLY B 58 -14.62 -14.00 10.30
CA GLY B 58 -14.63 -12.56 10.15
C GLY B 58 -16.00 -11.95 10.37
N LYS B 59 -16.90 -12.72 10.93
CA LYS B 59 -18.26 -12.25 11.19
C LYS B 59 -18.26 -11.17 12.27
N PHE B 60 -18.89 -10.04 11.97
CA PHE B 60 -19.02 -8.95 12.93
C PHE B 60 -19.79 -9.42 14.15
N GLU B 61 -19.17 -9.28 15.32
CA GLU B 61 -19.84 -9.65 16.57
C GLU B 61 -20.39 -8.40 17.24
N LYS B 62 -19.54 -7.41 17.50
CA LYS B 62 -20.07 -6.18 18.11
C LYS B 62 -19.18 -4.94 18.02
N THR B 63 -19.80 -3.78 18.18
CA THR B 63 -19.07 -2.53 18.30
C THR B 63 -19.15 -2.03 19.73
N ILE B 64 -17.99 -1.72 20.30
CA ILE B 64 -17.86 -1.27 21.66
C ILE B 64 -17.36 0.18 21.66
N SER B 65 -18.16 1.06 22.24
CA SER B 65 -17.90 2.49 22.19
C SER B 65 -17.93 3.10 23.59
N GLY B 66 -17.30 4.26 23.74
CA GLY B 66 -17.25 4.93 25.02
C GLY B 66 -16.05 5.85 25.15
N HIS B 67 -14.97 5.51 24.45
CA HIS B 67 -13.78 6.35 24.47
C HIS B 67 -14.06 7.68 23.81
N LYS B 68 -13.44 8.74 24.33
CA LYS B 68 -13.67 10.10 23.86
C LYS B 68 -12.84 10.43 22.64
N LEU B 69 -11.70 9.77 22.47
CA LEU B 69 -10.85 10.00 21.32
C LEU B 69 -10.36 8.68 20.73
N GLY B 70 -9.47 8.77 19.74
CA GLY B 70 -8.96 7.60 19.05
C GLY B 70 -8.27 6.60 19.97
N ILE B 71 -8.24 5.34 19.54
CA ILE B 71 -7.66 4.26 20.33
C ILE B 71 -6.42 3.68 19.64
N SER B 72 -5.35 3.48 20.41
CA SER B 72 -4.08 3.01 19.86
C SER B 72 -3.79 1.53 20.11
N ASP B 73 -4.51 0.92 21.04
CA ASP B 73 -4.21 -0.47 21.42
C ASP B 73 -5.35 -1.12 22.18
N VAL B 74 -5.43 -2.45 22.08
CA VAL B 74 -6.36 -3.25 22.87
C VAL B 74 -5.66 -4.53 23.34
N ALA B 75 -6.19 -5.17 24.38
CA ALA B 75 -5.64 -6.42 24.89
C ALA B 75 -6.70 -7.24 25.60
N TRP B 76 -6.62 -8.56 25.46
CA TRP B 76 -7.58 -9.47 26.07
C TRP B 76 -7.10 -9.98 27.43
N SER B 77 -8.05 -10.25 28.32
CA SER B 77 -7.74 -10.97 29.55
C SER B 77 -7.58 -12.46 29.23
N SER B 78 -6.96 -13.19 30.15
CA SER B 78 -6.66 -14.61 29.91
C SER B 78 -7.90 -15.48 29.76
N ASP B 79 -9.02 -15.04 30.33
CA ASP B 79 -10.27 -15.78 30.24
C ASP B 79 -11.11 -15.37 29.03
N SER B 80 -10.55 -14.47 28.21
CA SER B 80 -11.23 -13.95 27.02
C SER B 80 -12.52 -13.17 27.31
N ASN B 81 -12.72 -12.78 28.57
CA ASN B 81 -13.96 -12.11 28.95
C ASN B 81 -13.84 -10.59 29.00
N LEU B 82 -12.62 -10.10 29.15
CA LEU B 82 -12.38 -8.67 29.31
C LEU B 82 -11.52 -8.14 28.19
N LEU B 83 -11.73 -6.87 27.84
CA LEU B 83 -10.80 -6.20 26.95
C LEU B 83 -10.32 -4.92 27.61
N VAL B 84 -9.05 -4.57 27.45
CA VAL B 84 -8.60 -3.26 27.88
C VAL B 84 -8.20 -2.44 26.66
N SER B 85 -8.52 -1.16 26.67
CA SER B 85 -8.19 -0.30 25.54
C SER B 85 -7.44 0.94 26.00
N ALA B 86 -6.50 1.37 25.16
CA ALA B 86 -5.67 2.55 25.45
C ALA B 86 -5.99 3.67 24.46
N SER B 87 -6.39 4.84 24.97
CA SER B 87 -6.89 5.89 24.10
C SER B 87 -6.23 7.25 24.26
N ASP B 88 -6.37 8.07 23.22
CA ASP B 88 -5.90 9.46 23.24
C ASP B 88 -6.63 10.30 24.28
N ASP B 89 -7.73 9.80 24.82
CA ASP B 89 -8.48 10.54 25.83
C ASP B 89 -7.84 10.44 27.22
N LYS B 90 -6.59 9.97 27.24
CA LYS B 90 -5.76 9.85 28.45
C LYS B 90 -6.16 8.73 29.40
N THR B 91 -7.17 7.95 29.03
CA THR B 91 -7.65 6.89 29.90
C THR B 91 -7.49 5.51 29.28
N LEU B 92 -7.57 4.49 30.12
CA LEU B 92 -7.78 3.15 29.58
C LEU B 92 -9.20 2.75 29.93
N LYS B 93 -9.74 1.77 29.22
CA LYS B 93 -11.03 1.24 29.63
C LYS B 93 -11.05 -0.28 29.68
N ILE B 94 -11.65 -0.80 30.75
CA ILE B 94 -11.89 -2.22 30.91
C ILE B 94 -13.34 -2.52 30.55
N TRP B 95 -13.49 -3.44 29.59
CA TRP B 95 -14.76 -3.75 28.95
C TRP B 95 -15.17 -5.20 29.19
N ASP B 96 -16.44 -5.39 29.55
CA ASP B 96 -17.09 -6.69 29.51
C ASP B 96 -17.38 -6.96 28.03
N VAL B 97 -16.67 -7.91 27.45
CA VAL B 97 -16.79 -8.17 26.01
C VAL B 97 -18.20 -8.62 25.61
N SER B 98 -18.82 -9.48 26.42
CA SER B 98 -20.11 -10.06 26.07
C SER B 98 -21.28 -9.06 26.13
N SER B 99 -21.08 -7.94 26.81
CA SER B 99 -22.12 -6.93 26.92
C SER B 99 -21.70 -5.62 26.27
N GLY B 100 -20.40 -5.42 26.14
CA GLY B 100 -19.88 -4.19 25.55
C GLY B 100 -19.89 -3.03 26.52
N LYS B 101 -20.23 -3.31 27.78
CA LYS B 101 -20.28 -2.29 28.82
C LYS B 101 -18.90 -1.97 29.38
N CYS B 102 -18.66 -0.69 29.66
CA CYS B 102 -17.42 -0.28 30.30
C CYS B 102 -17.47 -0.64 31.77
N LEU B 103 -16.62 -1.57 32.18
CA LEU B 103 -16.57 -1.98 33.58
C LEU B 103 -15.75 -0.99 34.38
N LYS B 104 -14.60 -0.58 33.84
CA LYS B 104 -13.76 0.37 34.58
C LYS B 104 -13.14 1.41 33.67
N THR B 105 -12.95 2.61 34.19
CA THR B 105 -12.18 3.63 33.48
C THR B 105 -10.90 3.94 34.27
N LEU B 106 -9.77 3.55 33.69
CA LEU B 106 -8.46 3.73 34.32
C LEU B 106 -7.93 5.13 34.03
N LYS B 107 -7.95 5.97 35.06
CA LYS B 107 -7.54 7.36 34.96
C LYS B 107 -6.27 7.58 35.77
N GLY B 108 -5.32 8.32 35.18
CA GLY B 108 -4.05 8.57 35.82
C GLY B 108 -3.04 9.21 34.89
N HIS B 109 -2.99 8.73 33.65
CA HIS B 109 -2.08 9.29 32.66
C HIS B 109 -2.44 10.74 32.33
N SER B 110 -1.44 11.53 31.96
CA SER B 110 -1.64 12.94 31.66
C SER B 110 -1.51 13.24 30.16
N ASN B 111 -1.38 12.17 29.37
CA ASN B 111 -1.35 12.30 27.92
C ASN B 111 -1.89 11.01 27.30
N TYR B 112 -1.76 10.89 25.98
CA TYR B 112 -2.26 9.73 25.25
C TYR B 112 -1.80 8.40 25.85
N VAL B 113 -2.73 7.47 26.03
CA VAL B 113 -2.34 6.11 26.37
C VAL B 113 -2.11 5.35 25.07
N PHE B 114 -0.94 4.74 24.94
CA PHE B 114 -0.46 4.24 23.65
C PHE B 114 -0.50 2.73 23.55
N CYS B 115 -0.24 2.06 24.67
CA CYS B 115 -0.10 0.61 24.67
C CYS B 115 -0.60 0.02 25.98
N CYS B 116 -1.03 -1.25 25.92
CA CYS B 116 -1.59 -1.89 27.11
C CYS B 116 -1.53 -3.42 27.01
N ASN B 117 -1.57 -4.07 28.17
CA ASN B 117 -1.55 -5.53 28.24
C ASN B 117 -2.01 -6.03 29.61
N PHE B 118 -2.68 -7.19 29.62
CA PHE B 118 -2.98 -7.88 30.87
C PHE B 118 -1.79 -8.76 31.21
N ASN B 119 -1.64 -9.08 32.49
CA ASN B 119 -0.67 -10.10 32.89
C ASN B 119 -1.34 -11.48 32.73
N PRO B 120 -0.55 -12.55 32.66
CA PRO B 120 -1.14 -13.89 32.46
C PRO B 120 -2.26 -14.24 33.43
N GLN B 121 -2.15 -13.78 34.67
CA GLN B 121 -3.19 -14.02 35.67
C GLN B 121 -4.39 -13.10 35.42
N SER B 122 -4.13 -12.00 34.73
CA SER B 122 -5.16 -11.00 34.38
C SER B 122 -5.75 -10.28 35.59
N ASN B 123 -4.95 -10.15 36.64
CA ASN B 123 -5.33 -9.32 37.79
C ASN B 123 -4.73 -7.93 37.65
N LEU B 124 -3.78 -7.80 36.73
CA LEU B 124 -3.09 -6.54 36.50
C LEU B 124 -3.18 -6.08 35.05
N ILE B 125 -3.04 -4.77 34.85
CA ILE B 125 -2.92 -4.21 33.51
C ILE B 125 -1.73 -3.28 33.48
N VAL B 126 -0.88 -3.43 32.46
CA VAL B 126 0.23 -2.50 32.29
C VAL B 126 -0.09 -1.57 31.12
N SER B 127 0.23 -0.30 31.26
CA SER B 127 0.00 0.68 30.21
C SER B 127 1.23 1.55 30.00
N GLY B 128 1.40 2.03 28.77
CA GLY B 128 2.46 2.98 28.45
C GLY B 128 1.80 4.20 27.82
N SER B 129 2.44 5.36 27.96
CA SER B 129 1.78 6.60 27.58
C SER B 129 2.71 7.63 26.96
N PHE B 130 2.11 8.61 26.29
CA PHE B 130 2.84 9.76 25.77
C PHE B 130 3.36 10.62 26.92
N ASP B 131 2.86 10.38 28.13
CA ASP B 131 3.35 11.10 29.30
C ASP B 131 4.66 10.53 29.82
N GLU B 132 5.19 9.55 29.07
CA GLU B 132 6.50 8.95 29.31
C GLU B 132 6.54 8.00 30.52
N SER B 133 5.37 7.65 31.04
CA SER B 133 5.31 6.76 32.20
C SER B 133 4.68 5.41 31.87
N VAL B 134 5.03 4.40 32.68
CA VAL B 134 4.39 3.10 32.59
C VAL B 134 3.55 2.89 33.85
N ARG B 135 2.26 2.60 33.69
CA ARG B 135 1.42 2.39 34.86
C ARG B 135 0.95 0.95 35.03
N ILE B 136 0.83 0.55 36.29
CA ILE B 136 0.33 -0.78 36.64
C ILE B 136 -0.96 -0.65 37.45
N TRP B 137 -2.02 -1.22 36.89
CA TRP B 137 -3.38 -1.08 37.41
C TRP B 137 -3.91 -2.41 37.93
N ASP B 138 -4.71 -2.33 38.99
CA ASP B 138 -5.45 -3.49 39.47
C ASP B 138 -6.77 -3.61 38.73
N VAL B 139 -6.99 -4.77 38.12
CA VAL B 139 -8.18 -4.99 37.28
C VAL B 139 -9.47 -4.92 38.09
N LYS B 140 -9.46 -5.52 39.27
CA LYS B 140 -10.64 -5.62 40.11
C LYS B 140 -11.17 -4.26 40.60
N THR B 141 -10.26 -3.38 41.01
CA THR B 141 -10.67 -2.11 41.58
C THR B 141 -10.56 -0.95 40.59
N GLY B 142 -9.76 -1.14 39.55
CA GLY B 142 -9.52 -0.09 38.58
C GLY B 142 -8.53 0.96 39.07
N LYS B 143 -7.96 0.75 40.24
CA LYS B 143 -7.03 1.71 40.80
C LYS B 143 -5.62 1.49 40.27
N CYS B 144 -4.88 2.58 40.07
CA CYS B 144 -3.49 2.48 39.67
C CYS B 144 -2.65 2.04 40.86
N LEU B 145 -1.99 0.89 40.72
CA LEU B 145 -1.15 0.36 41.79
C LEU B 145 0.22 1.02 41.78
N LYS B 146 0.82 1.12 40.59
CA LYS B 146 2.14 1.73 40.50
C LYS B 146 2.30 2.66 39.32
N THR B 147 3.13 3.68 39.49
CA THR B 147 3.52 4.54 38.37
C THR B 147 5.03 4.55 38.23
N LEU B 148 5.52 3.84 37.21
CA LEU B 148 6.95 3.78 36.94
C LEU B 148 7.36 4.90 36.00
N PRO B 149 8.24 5.80 36.49
CA PRO B 149 8.85 6.84 35.67
C PRO B 149 9.83 6.17 34.71
N ALA B 150 9.28 5.59 33.65
CA ALA B 150 10.01 4.63 32.82
C ALA B 150 10.99 5.22 31.83
N HIS B 151 10.55 6.24 31.11
CA HIS B 151 11.30 6.70 29.95
C HIS B 151 11.34 8.21 29.83
N SER B 152 12.04 8.69 28.81
CA SER B 152 12.22 10.12 28.61
C SER B 152 11.50 10.56 27.33
N ASP B 153 10.65 9.68 26.81
CA ASP B 153 9.87 9.91 25.59
C ASP B 153 8.61 9.03 25.67
N PRO B 154 7.63 9.22 24.75
CA PRO B 154 6.45 8.35 24.75
C PRO B 154 6.78 6.86 24.81
N VAL B 155 6.03 6.11 25.62
CA VAL B 155 6.25 4.69 25.78
C VAL B 155 5.52 3.95 24.66
N SER B 156 6.28 3.19 23.87
CA SER B 156 5.78 2.61 22.63
C SER B 156 5.17 1.22 22.81
N ALA B 157 5.66 0.49 23.81
CA ALA B 157 5.15 -0.85 24.09
C ALA B 157 5.37 -1.23 25.53
N VAL B 158 4.45 -2.03 26.07
CA VAL B 158 4.58 -2.61 27.40
C VAL B 158 4.06 -4.04 27.34
N HIS B 159 4.73 -4.97 28.01
CA HIS B 159 4.39 -6.38 27.89
C HIS B 159 4.86 -7.19 29.10
N PHE B 160 3.97 -8.01 29.65
CA PHE B 160 4.34 -8.92 30.73
C PHE B 160 5.03 -10.15 30.18
N ASN B 161 5.95 -10.72 30.95
CA ASN B 161 6.48 -12.03 30.62
C ASN B 161 5.45 -13.09 30.98
N ARG B 162 5.72 -14.34 30.63
CA ARG B 162 4.75 -15.41 30.85
C ARG B 162 4.51 -15.68 32.34
N ASP B 163 5.45 -15.26 33.18
CA ASP B 163 5.32 -15.44 34.62
C ASP B 163 4.62 -14.25 35.28
N GLY B 164 4.68 -13.10 34.62
CA GLY B 164 4.00 -11.91 35.09
C GLY B 164 4.86 -11.05 35.99
N SER B 165 6.05 -11.55 36.31
CA SER B 165 6.93 -10.89 37.28
C SER B 165 7.75 -9.79 36.62
N LEU B 166 7.88 -9.86 35.30
CA LEU B 166 8.64 -8.86 34.57
C LEU B 166 7.73 -8.07 33.62
N ILE B 167 8.04 -6.80 33.47
CA ILE B 167 7.38 -5.96 32.47
C ILE B 167 8.45 -5.38 31.57
N VAL B 168 8.34 -5.63 30.27
CA VAL B 168 9.27 -5.00 29.33
C VAL B 168 8.62 -3.75 28.76
N SER B 169 9.39 -2.68 28.65
CA SER B 169 8.88 -1.44 28.07
C SER B 169 9.87 -0.88 27.05
N SER B 170 9.35 -0.15 26.07
CA SER B 170 10.18 0.48 25.06
C SER B 170 9.73 1.92 24.84
N SER B 171 10.58 2.70 24.18
CA SER B 171 10.27 4.12 23.97
C SER B 171 11.08 4.70 22.82
N TYR B 172 10.63 5.85 22.33
CA TYR B 172 11.37 6.61 21.33
C TYR B 172 12.71 7.13 21.87
N ASP B 173 12.93 7.02 23.18
CA ASP B 173 14.17 7.51 23.77
C ASP B 173 15.36 6.57 23.49
N GLY B 174 15.06 5.38 22.99
CA GLY B 174 16.09 4.45 22.59
C GLY B 174 16.32 3.33 23.59
N LEU B 175 15.50 3.30 24.64
CA LEU B 175 15.68 2.33 25.71
C LEU B 175 14.67 1.18 25.71
N CYS B 176 15.12 0.04 26.22
CA CYS B 176 14.24 -1.09 26.49
C CYS B 176 14.48 -1.53 27.92
N ARG B 177 13.44 -1.50 28.75
CA ARG B 177 13.63 -1.77 30.17
C ARG B 177 12.86 -2.96 30.71
N ILE B 178 13.52 -3.71 31.58
CA ILE B 178 12.92 -4.82 32.31
C ILE B 178 12.64 -4.38 33.74
N TRP B 179 11.36 -4.41 34.11
CA TRP B 179 10.89 -3.96 35.42
C TRP B 179 10.40 -5.15 36.23
N ASP B 180 10.65 -5.12 37.52
CA ASP B 180 10.07 -6.09 38.43
C ASP B 180 8.63 -5.69 38.69
N THR B 181 7.69 -6.58 38.41
CA THR B 181 6.28 -6.28 38.60
C THR B 181 5.96 -6.00 40.08
N ALA B 182 6.45 -6.87 40.96
CA ALA B 182 6.15 -6.79 42.38
C ALA B 182 6.67 -5.51 43.04
N SER B 183 7.88 -5.11 42.68
CA SER B 183 8.53 -3.97 43.33
C SER B 183 8.43 -2.69 42.50
N GLY B 184 8.48 -2.82 41.18
CA GLY B 184 8.48 -1.67 40.30
C GLY B 184 9.89 -1.20 39.97
N GLN B 185 10.88 -1.93 40.45
CA GLN B 185 12.27 -1.57 40.19
C GLN B 185 12.68 -1.95 38.77
N CYS B 186 13.39 -1.05 38.10
CA CYS B 186 14.00 -1.37 36.82
C CYS B 186 15.07 -2.43 37.01
N LEU B 187 14.74 -3.68 36.67
CA LEU B 187 15.66 -4.80 36.87
C LEU B 187 16.79 -4.81 35.85
N LYS B 188 16.53 -4.35 34.64
CA LYS B 188 17.57 -4.30 33.63
C LYS B 188 17.29 -3.21 32.58
N THR B 189 18.35 -2.67 31.99
CA THR B 189 18.19 -1.69 30.92
C THR B 189 19.05 -2.04 29.71
N LEU B 190 18.39 -2.46 28.64
CA LEU B 190 19.07 -2.76 27.38
C LEU B 190 19.47 -1.48 26.66
N ILE B 191 20.72 -1.44 26.22
CA ILE B 191 21.27 -0.23 25.63
C ILE B 191 21.94 -0.50 24.28
N ASP B 192 21.60 0.31 23.28
CA ASP B 192 22.31 0.30 22.02
C ASP B 192 23.06 1.63 21.91
N ASP B 193 24.34 1.55 21.59
CA ASP B 193 25.19 2.74 21.52
C ASP B 193 24.73 3.71 20.43
N ASP B 194 24.04 3.19 19.42
CA ASP B 194 23.52 4.02 18.34
C ASP B 194 22.14 4.57 18.71
N ASN B 195 21.53 3.94 19.71
CA ASN B 195 20.29 4.42 20.33
C ASN B 195 19.13 4.81 19.40
N PRO B 196 18.75 3.93 18.46
CA PRO B 196 17.60 4.31 17.64
C PRO B 196 16.31 4.20 18.45
N PRO B 197 15.26 4.95 18.07
CA PRO B 197 13.97 4.87 18.77
C PRO B 197 13.44 3.44 18.75
N VAL B 198 13.09 2.91 19.91
CA VAL B 198 12.52 1.58 20.00
C VAL B 198 11.01 1.70 19.92
N SER B 199 10.45 1.16 18.84
CA SER B 199 9.04 1.38 18.52
C SER B 199 8.14 0.23 18.95
N PHE B 200 8.73 -0.91 19.26
CA PHE B 200 7.98 -2.05 19.79
C PHE B 200 8.88 -3.03 20.52
N VAL B 201 8.33 -3.65 21.56
CA VAL B 201 9.05 -4.69 22.28
C VAL B 201 8.06 -5.71 22.83
N LYS B 202 8.52 -6.95 22.96
CA LYS B 202 7.68 -8.06 23.40
C LYS B 202 8.54 -9.23 23.86
N PHE B 203 8.15 -9.84 24.98
CA PHE B 203 8.81 -11.05 25.44
C PHE B 203 8.56 -12.19 24.48
N SER B 204 9.56 -13.05 24.32
CA SER B 204 9.36 -14.31 23.60
C SER B 204 8.44 -15.17 24.46
N PRO B 205 7.76 -16.15 23.85
CA PRO B 205 6.88 -17.04 24.62
C PRO B 205 7.61 -17.92 25.64
N ASN B 206 8.87 -17.60 25.95
CA ASN B 206 9.64 -18.33 26.95
C ASN B 206 10.24 -17.40 27.98
N GLY B 207 10.06 -16.09 27.78
CA GLY B 207 10.53 -15.09 28.70
C GLY B 207 12.05 -14.91 28.69
N LYS B 208 12.72 -15.71 27.89
CA LYS B 208 14.18 -15.67 27.83
C LYS B 208 14.67 -14.50 26.98
N TYR B 209 13.91 -14.18 25.95
CA TYR B 209 14.29 -13.13 25.01
C TYR B 209 13.25 -12.05 24.87
N ILE B 210 13.66 -10.89 24.34
CA ILE B 210 12.71 -9.87 23.94
C ILE B 210 12.90 -9.51 22.46
N LEU B 211 11.80 -9.43 21.74
CA LEU B 211 11.83 -8.98 20.35
C LEU B 211 11.62 -7.48 20.34
N ALA B 212 12.63 -6.75 19.88
CA ALA B 212 12.58 -5.29 19.88
C ALA B 212 12.67 -4.72 18.48
N ALA B 213 11.72 -3.86 18.14
CA ALA B 213 11.73 -3.14 16.88
C ALA B 213 12.36 -1.78 17.08
N THR B 214 13.22 -1.38 16.14
CA THR B 214 13.77 -0.03 16.17
C THR B 214 13.47 0.66 14.85
N LEU B 215 13.35 1.99 14.90
CA LEU B 215 12.96 2.76 13.71
C LEU B 215 14.12 2.99 12.76
N ASP B 216 14.89 1.93 12.55
CA ASP B 216 15.95 1.91 11.55
C ASP B 216 15.77 0.67 10.68
N ASN B 217 14.50 0.29 10.49
CA ASN B 217 14.12 -0.85 9.67
C ASN B 217 14.72 -2.16 10.17
N THR B 218 14.69 -2.35 11.48
CA THR B 218 15.32 -3.52 12.07
C THR B 218 14.48 -4.13 13.18
N LEU B 219 14.42 -5.46 13.20
CA LEU B 219 13.91 -6.19 14.35
C LEU B 219 15.07 -6.96 14.97
N LYS B 220 15.07 -7.10 16.29
CA LYS B 220 16.16 -7.80 16.97
C LYS B 220 15.65 -8.74 18.07
N LEU B 221 16.17 -9.96 18.08
CA LEU B 221 15.89 -10.89 19.17
C LEU B 221 17.04 -10.81 20.17
N TRP B 222 16.73 -10.23 21.33
CA TRP B 222 17.70 -9.92 22.37
C TRP B 222 17.63 -10.87 23.56
N ASP B 223 18.79 -11.28 24.07
CA ASP B 223 18.88 -11.89 25.39
C ASP B 223 19.17 -10.76 26.37
N TYR B 224 18.14 -10.24 27.02
CA TYR B 224 18.27 -9.08 27.89
C TYR B 224 19.16 -9.32 29.09
N SER B 225 19.26 -10.59 29.52
CA SER B 225 20.12 -10.95 30.64
C SER B 225 21.59 -10.65 30.34
N LYS B 226 22.08 -11.19 29.23
CA LYS B 226 23.47 -10.98 28.85
C LYS B 226 23.64 -9.66 28.12
N GLY B 227 22.53 -9.13 27.60
CA GLY B 227 22.57 -7.90 26.84
C GLY B 227 23.19 -8.10 25.46
N LYS B 228 23.02 -9.30 24.92
CA LYS B 228 23.55 -9.61 23.60
C LYS B 228 22.44 -9.84 22.58
N CYS B 229 22.62 -9.28 21.39
CA CYS B 229 21.66 -9.45 20.30
C CYS B 229 21.85 -10.82 19.66
N LEU B 230 20.85 -11.69 19.80
CA LEU B 230 20.95 -13.05 19.26
C LEU B 230 20.54 -13.10 17.80
N LYS B 231 19.42 -12.48 17.46
CA LYS B 231 18.97 -12.50 16.06
C LYS B 231 18.69 -11.10 15.51
N THR B 232 18.79 -10.96 14.19
CA THR B 232 18.46 -9.70 13.53
C THR B 232 17.65 -9.95 12.26
N TYR B 233 16.51 -9.28 12.15
CA TYR B 233 15.61 -9.46 11.01
C TYR B 233 15.43 -8.14 10.26
N THR B 234 15.72 -8.17 8.96
CA THR B 234 15.60 -7.00 8.10
C THR B 234 14.94 -7.32 6.77
N GLY B 235 14.81 -6.31 5.92
CA GLY B 235 14.18 -6.45 4.62
C GLY B 235 12.92 -5.62 4.54
N HIS B 236 12.32 -5.35 5.70
CA HIS B 236 11.08 -4.59 5.77
C HIS B 236 11.35 -3.10 5.97
N LYS B 237 10.28 -2.31 6.00
CA LYS B 237 10.43 -0.87 6.20
C LYS B 237 9.74 -0.42 7.49
N ASN B 238 10.51 0.20 8.37
CA ASN B 238 9.98 0.67 9.64
C ASN B 238 10.82 1.83 10.17
N GLU B 239 10.40 3.05 9.86
CA GLU B 239 11.13 4.25 10.28
C GLU B 239 10.22 5.28 10.93
N LYS B 240 8.90 5.06 10.87
CA LYS B 240 7.96 6.09 11.28
C LYS B 240 6.96 5.67 12.36
N TYR B 241 6.48 4.43 12.29
CA TYR B 241 5.38 4.00 13.15
C TYR B 241 5.75 2.92 14.16
N CYS B 242 4.93 2.79 15.20
CA CYS B 242 5.10 1.73 16.17
C CYS B 242 4.31 0.50 15.74
N ILE B 243 4.97 -0.36 14.98
CA ILE B 243 4.33 -1.52 14.36
C ILE B 243 4.51 -2.77 15.22
N PHE B 244 3.42 -3.48 15.45
CA PHE B 244 3.47 -4.71 16.25
C PHE B 244 4.29 -5.79 15.59
N ALA B 245 4.97 -6.60 16.39
CA ALA B 245 5.64 -7.80 15.90
C ALA B 245 5.24 -9.00 16.77
N ASN B 246 5.44 -10.20 16.23
CA ASN B 246 4.91 -11.42 16.85
C ASN B 246 5.84 -12.61 16.69
N PHE B 247 5.78 -13.52 17.66
CA PHE B 247 6.38 -14.84 17.53
C PHE B 247 5.29 -15.80 17.08
N SER B 248 5.45 -16.38 15.89
CA SER B 248 4.51 -17.39 15.41
C SER B 248 4.99 -18.75 15.86
N VAL B 249 4.13 -19.49 16.56
CA VAL B 249 4.55 -20.74 17.19
C VAL B 249 3.61 -21.92 16.94
N THR B 250 2.49 -21.67 16.28
CA THR B 250 1.51 -22.73 16.03
C THR B 250 2.00 -23.72 14.97
N GLY B 251 2.80 -23.24 14.03
CA GLY B 251 3.40 -24.09 13.03
C GLY B 251 4.91 -23.95 13.08
N GLY B 252 5.50 -23.49 11.99
CA GLY B 252 6.92 -23.17 11.98
C GLY B 252 7.19 -21.99 12.88
N LYS B 253 8.40 -21.90 13.42
CA LYS B 253 8.76 -20.81 14.30
C LYS B 253 9.14 -19.56 13.50
N TRP B 254 8.18 -18.66 13.34
CA TRP B 254 8.42 -17.46 12.54
C TRP B 254 8.45 -16.20 13.38
N ILE B 255 9.03 -15.13 12.80
CA ILE B 255 8.83 -13.78 13.30
C ILE B 255 7.89 -13.09 12.31
N VAL B 256 6.83 -12.47 12.82
CA VAL B 256 5.82 -11.86 11.97
C VAL B 256 5.66 -10.37 12.26
N SER B 257 5.75 -9.52 11.25
CA SER B 257 5.61 -8.09 11.48
C SER B 257 4.96 -7.34 10.33
N GLY B 258 4.26 -6.27 10.66
CA GLY B 258 3.76 -5.36 9.64
C GLY B 258 4.92 -4.54 9.12
N SER B 259 4.67 -3.78 8.06
CA SER B 259 5.73 -2.99 7.44
C SER B 259 5.14 -1.74 6.80
N GLU B 260 5.96 -0.71 6.64
CA GLU B 260 5.52 0.56 6.09
C GLU B 260 5.50 0.56 4.57
N ASP B 261 5.84 -0.59 3.98
CA ASP B 261 5.70 -0.76 2.54
C ASP B 261 4.44 -1.57 2.22
N ASN B 262 3.50 -1.55 3.17
CA ASN B 262 2.17 -2.15 3.02
C ASN B 262 2.12 -3.67 3.07
N LEU B 263 3.23 -4.31 3.38
CA LEU B 263 3.31 -5.77 3.36
C LEU B 263 3.37 -6.38 4.75
N VAL B 264 2.97 -7.65 4.84
CA VAL B 264 3.25 -8.41 6.05
C VAL B 264 4.51 -9.24 5.83
N TYR B 265 5.49 -9.09 6.71
CA TYR B 265 6.74 -9.83 6.62
C TYR B 265 6.78 -11.01 7.58
N ILE B 266 7.23 -12.14 7.06
CA ILE B 266 7.40 -13.35 7.87
C ILE B 266 8.81 -13.90 7.65
N TRP B 267 9.57 -13.94 8.73
CA TRP B 267 10.94 -14.46 8.74
C TRP B 267 11.00 -15.81 9.42
N ASN B 268 11.97 -16.62 9.01
CA ASN B 268 12.37 -17.79 9.77
C ASN B 268 13.15 -17.30 10.99
N LEU B 269 12.73 -17.67 12.19
CA LEU B 269 13.33 -17.14 13.41
C LEU B 269 14.82 -17.47 13.53
N GLN B 270 15.18 -18.71 13.20
CA GLN B 270 16.55 -19.17 13.35
C GLN B 270 17.47 -18.70 12.22
N THR B 271 17.00 -18.81 10.98
CA THR B 271 17.84 -18.49 9.84
C THR B 271 17.81 -17.00 9.50
N LYS B 272 16.81 -16.30 10.04
CA LYS B 272 16.62 -14.87 9.82
C LYS B 272 16.24 -14.52 8.38
N GLU B 273 15.96 -15.55 7.57
CA GLU B 273 15.58 -15.34 6.17
C GLU B 273 14.10 -15.00 6.05
N ILE B 274 13.78 -14.07 5.16
CA ILE B 274 12.39 -13.77 4.85
C ILE B 274 11.77 -14.96 4.14
N VAL B 275 10.77 -15.58 4.78
CA VAL B 275 10.14 -16.76 4.20
C VAL B 275 8.81 -16.46 3.53
N GLN B 276 8.18 -15.35 3.89
CA GLN B 276 6.97 -14.95 3.16
C GLN B 276 6.60 -13.46 3.27
N LYS B 277 6.07 -12.90 2.19
CA LYS B 277 5.50 -11.56 2.22
C LYS B 277 4.02 -11.61 1.82
N LEU B 278 3.15 -11.14 2.71
CA LEU B 278 1.71 -11.10 2.44
C LEU B 278 1.32 -9.76 1.85
N GLN B 279 0.75 -9.81 0.63
CA GLN B 279 0.38 -8.61 -0.11
C GLN B 279 -1.13 -8.45 -0.20
N GLY B 280 -1.59 -7.21 -0.05
CA GLY B 280 -3.00 -6.90 -0.12
C GLY B 280 -3.32 -5.52 0.45
N HIS B 281 -2.69 -5.18 1.57
CA HIS B 281 -2.92 -3.88 2.16
C HIS B 281 -2.39 -2.76 1.27
N THR B 282 -2.98 -1.58 1.38
CA THR B 282 -2.60 -0.43 0.56
C THR B 282 -2.15 0.74 1.43
N ASP B 283 -1.90 0.46 2.70
CA ASP B 283 -1.29 1.44 3.59
C ASP B 283 -0.47 0.68 4.62
N VAL B 284 0.28 1.40 5.45
CA VAL B 284 1.16 0.80 6.43
C VAL B 284 0.44 -0.24 7.27
N VAL B 285 0.99 -1.45 7.30
CA VAL B 285 0.43 -2.51 8.11
C VAL B 285 0.86 -2.28 9.54
N ILE B 286 0.06 -1.51 10.28
CA ILE B 286 0.43 -1.09 11.62
C ILE B 286 0.38 -2.24 12.59
N SER B 287 -0.50 -3.22 12.33
CA SER B 287 -0.68 -4.28 13.32
C SER B 287 -0.76 -5.67 12.72
N THR B 288 -0.11 -6.62 13.39
CA THR B 288 -0.27 -8.04 13.06
C THR B 288 -0.43 -8.85 14.34
N ALA B 289 -1.20 -9.92 14.28
CA ALA B 289 -1.39 -10.80 15.42
C ALA B 289 -1.46 -12.26 14.97
N CYS B 290 -1.07 -13.17 15.87
CA CYS B 290 -1.08 -14.60 15.56
C CYS B 290 -2.12 -15.35 16.40
N HIS B 291 -2.95 -16.16 15.74
CA HIS B 291 -3.95 -16.97 16.43
C HIS B 291 -3.28 -17.90 17.43
N PRO B 292 -3.90 -18.07 18.61
CA PRO B 292 -3.31 -18.87 19.70
C PRO B 292 -3.09 -20.35 19.37
N THR B 293 -3.95 -20.94 18.54
CA THR B 293 -3.86 -22.37 18.25
C THR B 293 -3.72 -22.71 16.77
N GLU B 294 -4.30 -21.89 15.91
CA GLU B 294 -4.29 -22.14 14.47
C GLU B 294 -3.27 -21.27 13.74
N ASN B 295 -2.83 -21.73 12.56
CA ASN B 295 -1.93 -20.95 11.73
C ASN B 295 -2.66 -19.82 11.01
N ILE B 296 -3.09 -18.82 11.78
CA ILE B 296 -3.86 -17.70 11.26
C ILE B 296 -3.24 -16.38 11.68
N ILE B 297 -3.04 -15.49 10.73
CA ILE B 297 -2.50 -14.16 11.00
C ILE B 297 -3.54 -13.09 10.71
N ALA B 298 -3.72 -12.15 11.63
CA ALA B 298 -4.55 -11.00 11.37
C ALA B 298 -3.67 -9.79 11.14
N SER B 299 -4.05 -8.93 10.20
CA SER B 299 -3.26 -7.75 9.90
C SER B 299 -4.19 -6.55 9.76
N ALA B 300 -3.68 -5.37 10.06
CA ALA B 300 -4.46 -4.16 9.96
C ALA B 300 -3.59 -2.97 9.59
N ALA B 301 -4.20 -2.06 8.83
CA ALA B 301 -3.49 -0.99 8.14
C ALA B 301 -4.08 0.40 8.38
N LEU B 302 -3.33 1.42 8.03
CA LEU B 302 -3.69 2.80 8.35
C LEU B 302 -4.71 3.46 7.41
N GLU B 303 -4.74 4.78 7.44
CA GLU B 303 -5.84 5.59 6.90
C GLU B 303 -6.27 5.30 5.46
N ASN B 304 -5.32 5.12 4.55
CA ASN B 304 -5.65 4.87 3.15
CA ASN B 304 -5.67 4.88 3.15
C ASN B 304 -6.25 3.49 2.92
N ASP B 305 -6.13 2.63 3.95
CA ASP B 305 -6.58 1.25 3.85
C ASP B 305 -7.79 1.00 4.75
N LYS B 306 -7.57 1.10 6.07
CA LYS B 306 -8.62 0.97 7.08
C LYS B 306 -9.22 -0.43 7.23
N THR B 307 -8.65 -1.43 6.56
CA THR B 307 -9.21 -2.77 6.63
C THR B 307 -8.40 -3.72 7.51
N ILE B 308 -9.04 -4.82 7.87
CA ILE B 308 -8.40 -5.90 8.59
C ILE B 308 -8.42 -7.10 7.67
N LYS B 309 -7.32 -7.85 7.62
CA LYS B 309 -7.24 -9.02 6.78
C LYS B 309 -6.86 -10.25 7.60
N LEU B 310 -7.49 -11.38 7.29
CA LEU B 310 -7.19 -12.65 7.93
C LEU B 310 -6.53 -13.58 6.93
N TRP B 311 -5.43 -14.21 7.33
CA TRP B 311 -4.65 -15.05 6.44
C TRP B 311 -4.47 -16.43 7.07
N LYS B 312 -4.65 -17.48 6.27
CA LYS B 312 -4.50 -18.85 6.76
C LYS B 312 -3.39 -19.61 6.05
N SER B 313 -2.61 -20.36 6.83
CA SER B 313 -1.53 -21.18 6.29
C SER B 313 -1.68 -22.64 6.72
N ASP B 314 -1.00 -23.53 6.01
CA ASP B 314 -1.04 -24.96 6.33
C ASP B 314 0.02 -25.31 7.37
N CYS B 315 1.14 -24.60 7.34
CA CYS B 315 2.23 -24.83 8.28
C CYS B 315 2.68 -23.52 8.93
C ACE C 1 -3.97 7.48 17.62
O ACE C 1 -3.66 7.24 16.46
CH3 ACE C 1 -5.30 7.11 18.21
N ALA C 2 -3.10 7.78 18.58
CA ALA C 2 -1.75 8.29 18.32
C ALA C 2 -0.91 7.31 17.48
N ARG C 3 -1.16 6.02 17.64
CA ARG C 3 -0.36 5.01 16.94
C ARG C 3 -0.49 5.14 15.43
N THR C 4 -1.65 5.62 14.97
CA THR C 4 -1.92 5.77 13.56
C THR C 4 -1.35 7.06 12.97
N GLU C 5 -0.66 7.84 13.81
CA GLU C 5 -0.01 9.07 13.37
C GLU C 5 1.50 8.99 13.58
N VAL C 6 2.24 9.83 12.88
CA VAL C 6 3.69 9.88 13.02
C VAL C 6 4.13 10.85 14.12
N TYR C 7 4.81 10.32 15.13
CA TYR C 7 5.36 11.15 16.20
C TYR C 7 6.53 11.96 15.67
N NH2 C 8 6.45 13.28 15.85
C ACE D 1 8.37 -0.35 -28.89
O ACE D 1 8.57 0.80 -29.29
CH3 ACE D 1 9.17 -0.97 -27.78
N ALA D 2 7.25 -1.00 -29.21
CA ALA D 2 6.40 -0.70 -30.35
C ALA D 2 5.78 0.70 -30.26
N ARG D 3 5.52 1.16 -29.04
CA ARG D 3 4.89 2.47 -28.84
C ARG D 3 5.76 3.59 -29.38
N THR D 4 7.07 3.37 -29.38
CA THR D 4 8.02 4.36 -29.83
C THR D 4 8.21 4.35 -31.35
N GLU D 5 7.45 3.50 -32.02
CA GLU D 5 7.49 3.43 -33.49
C GLU D 5 6.10 3.73 -34.07
N VAL D 6 6.07 4.17 -35.32
CA VAL D 6 4.81 4.44 -36.00
C VAL D 6 4.26 3.17 -36.63
N TYR D 7 3.02 2.82 -36.27
CA TYR D 7 2.33 1.69 -36.87
C TYR D 7 1.85 2.06 -38.28
N NH2 D 8 2.34 1.34 -39.28
#